data_1IL4
#
_entry.id   1IL4
#
_cell.length_a   42.700
_cell.length_b   68.410
_cell.length_c   50.160
_cell.angle_alpha   90.00
_cell.angle_beta   112.80
_cell.angle_gamma   90.00
#
_symmetry.space_group_name_H-M   'P 1 21 1'
#
loop_
_entity.id
_entity.type
_entity.pdbx_description
1 polymer 'RICIN A CHAIN'
2 non-polymer 9-DEAZAGUANINE
3 water water
#
_entity_poly.entity_id   1
_entity_poly.type   'polypeptide(L)'
_entity_poly.pdbx_seq_one_letter_code
;IFPKQYPIINFTTAGATVQSYTNFIRAVRGRLTTGADVRHEIPVLPNRVGLPINQRFILVELSNHAELSVTLALDVTNAY
VVGYRAGNSAYFFHPDNQEDAEAITHLFTDVQNRYTFAFGGNYDRLEQLAGNLRENIELGNGPLEEAISALYYYSTGGTQ
LPTLARSFIICIQMISEAARFQYIEGEMRTRIRYNRRSAPDPSVITLENSWGRLSTAIQESNQGAFASPIQLQRRNGSKF
SVYDVSILIPIIALMVYRCAPPPSSQF
;
_entity_poly.pdbx_strand_id   A
#
# COMPACT_ATOMS: atom_id res chain seq x y z
N ILE A 1 4.36 17.15 22.73
CA ILE A 1 4.54 16.01 21.79
C ILE A 1 3.40 15.04 21.99
N PHE A 2 3.08 14.25 20.97
CA PHE A 2 2.00 13.27 21.04
C PHE A 2 2.55 12.04 21.76
N PRO A 3 1.81 11.51 22.75
CA PRO A 3 2.22 10.32 23.50
C PRO A 3 2.50 9.11 22.61
N LYS A 4 3.78 8.81 22.46
CA LYS A 4 4.24 7.69 21.63
C LYS A 4 3.92 7.91 20.16
N GLN A 5 4.94 8.33 19.41
CA GLN A 5 4.78 8.59 17.98
C GLN A 5 4.79 7.28 17.21
N TYR A 6 4.00 7.21 16.16
CA TYR A 6 3.91 6.01 15.33
C TYR A 6 5.26 5.73 14.68
N PRO A 7 5.58 4.45 14.44
CA PRO A 7 6.86 4.07 13.82
C PRO A 7 7.01 4.66 12.42
N ILE A 8 8.18 5.24 12.15
CA ILE A 8 8.45 5.86 10.87
C ILE A 8 9.51 5.09 10.08
N ILE A 9 9.19 4.77 8.83
CA ILE A 9 10.11 4.05 7.95
C ILE A 9 10.53 5.05 6.86
N ASN A 10 11.83 5.21 6.66
CA ASN A 10 12.34 6.15 5.68
C ASN A 10 12.79 5.51 4.37
N PHE A 11 12.77 6.31 3.31
CA PHE A 11 13.19 5.88 1.98
C PHE A 11 13.54 7.12 1.17
N THR A 12 14.47 6.98 0.24
CA THR A 12 14.89 8.09 -0.61
C THR A 12 15.14 7.63 -2.04
N THR A 13 14.64 8.39 -3.01
CA THR A 13 14.79 8.07 -4.42
C THR A 13 16.13 8.52 -5.00
N ALA A 14 16.97 9.13 -4.16
CA ALA A 14 18.28 9.63 -4.58
C ALA A 14 19.16 8.53 -5.18
N GLY A 15 19.86 7.80 -4.31
CA GLY A 15 20.72 6.73 -4.78
C GLY A 15 20.06 5.40 -4.51
N ALA A 16 18.78 5.31 -4.86
CA ALA A 16 18.00 4.09 -4.65
C ALA A 16 18.44 2.97 -5.57
N THR A 17 18.57 1.78 -5.01
CA THR A 17 18.97 0.59 -5.76
C THR A 17 18.06 -0.57 -5.35
N VAL A 18 18.25 -1.72 -5.96
CA VAL A 18 17.44 -2.90 -5.65
C VAL A 18 17.56 -3.25 -4.16
N GLN A 19 18.77 -3.16 -3.63
CA GLN A 19 19.03 -3.46 -2.22
C GLN A 19 18.23 -2.56 -1.28
N SER A 20 18.44 -1.25 -1.39
CA SER A 20 17.74 -0.29 -0.54
C SER A 20 16.23 -0.46 -0.63
N TYR A 21 15.73 -0.72 -1.84
CA TYR A 21 14.30 -0.91 -2.06
C TYR A 21 13.81 -2.15 -1.31
N THR A 22 14.57 -3.24 -1.42
CA THR A 22 14.20 -4.48 -0.75
C THR A 22 14.13 -4.25 0.76
N ASN A 23 15.14 -3.57 1.31
CA ASN A 23 15.19 -3.26 2.73
C ASN A 23 13.94 -2.48 3.14
N PHE A 24 13.61 -1.47 2.34
CA PHE A 24 12.44 -0.64 2.59
C PHE A 24 11.17 -1.48 2.68
N ILE A 25 10.94 -2.31 1.67
CA ILE A 25 9.76 -3.16 1.63
C ILE A 25 9.70 -4.12 2.83
N ARG A 26 10.81 -4.80 3.09
CA ARG A 26 10.86 -5.74 4.22
C ARG A 26 10.59 -5.04 5.54
N ALA A 27 11.10 -3.81 5.67
CA ALA A 27 10.89 -3.02 6.88
C ALA A 27 9.41 -2.71 7.05
N VAL A 28 8.76 -2.29 5.96
CA VAL A 28 7.35 -1.96 5.98
C VAL A 28 6.53 -3.18 6.40
N ARG A 29 6.80 -4.32 5.78
CA ARG A 29 6.11 -5.56 6.08
C ARG A 29 6.27 -5.92 7.56
N GLY A 30 7.48 -5.74 8.07
CA GLY A 30 7.77 -6.04 9.46
C GLY A 30 7.03 -5.14 10.43
N ARG A 31 6.72 -3.91 10.00
CA ARG A 31 6.00 -2.98 10.84
C ARG A 31 4.49 -3.20 10.76
N LEU A 32 4.04 -3.73 9.63
CA LEU A 32 2.61 -3.99 9.43
C LEU A 32 2.14 -5.22 10.21
N THR A 33 2.79 -6.35 9.98
CA THR A 33 2.42 -7.58 10.67
C THR A 33 3.20 -7.75 11.96
N THR A 34 2.50 -8.18 13.02
CA THR A 34 3.13 -8.40 14.31
C THR A 34 4.00 -9.66 14.32
N GLY A 35 4.04 -10.35 13.18
CA GLY A 35 4.82 -11.57 13.06
C GLY A 35 3.96 -12.78 13.37
N ALA A 36 3.08 -12.65 14.35
CA ALA A 36 2.19 -13.73 14.74
C ALA A 36 0.96 -13.78 13.84
N ASP A 37 0.17 -14.84 14.00
CA ASP A 37 -1.05 -15.07 13.23
C ASP A 37 -0.79 -15.24 11.73
N VAL A 38 -0.39 -16.44 11.35
CA VAL A 38 -0.11 -16.76 9.96
C VAL A 38 -1.01 -17.90 9.49
N ARG A 39 -1.77 -17.67 8.43
CA ARG A 39 -2.65 -18.69 7.89
C ARG A 39 -1.96 -19.35 6.71
N HIS A 40 -1.75 -20.66 6.80
CA HIS A 40 -1.09 -21.41 5.74
C HIS A 40 0.26 -20.79 5.40
N GLU A 41 1.03 -20.48 6.44
CA GLU A 41 2.37 -19.89 6.31
C GLU A 41 2.39 -18.41 5.90
N ILE A 42 1.25 -17.85 5.56
CA ILE A 42 1.16 -16.45 5.15
C ILE A 42 0.62 -15.61 6.30
N PRO A 43 1.38 -14.57 6.72
CA PRO A 43 0.98 -13.69 7.83
C PRO A 43 -0.26 -12.85 7.53
N VAL A 44 -1.07 -12.62 8.55
CA VAL A 44 -2.28 -11.84 8.43
C VAL A 44 -2.14 -10.50 9.15
N LEU A 45 -2.77 -9.47 8.60
CA LEU A 45 -2.72 -8.14 9.18
C LEU A 45 -3.63 -8.03 10.41
N PRO A 46 -3.26 -7.19 11.39
CA PRO A 46 -4.00 -6.98 12.63
C PRO A 46 -5.49 -6.68 12.44
N ASN A 47 -6.30 -7.22 13.34
CA ASN A 47 -7.75 -7.03 13.30
C ASN A 47 -8.11 -5.68 13.91
N ARG A 48 -8.71 -4.81 13.09
CA ARG A 48 -9.10 -3.47 13.52
C ARG A 48 -10.15 -3.46 14.64
N VAL A 49 -11.01 -4.46 14.67
CA VAL A 49 -12.07 -4.55 15.67
C VAL A 49 -11.57 -4.39 17.11
N GLY A 50 -10.36 -4.85 17.38
CA GLY A 50 -9.82 -4.74 18.73
C GLY A 50 -8.44 -4.11 18.74
N LEU A 51 -8.08 -3.45 17.65
CA LEU A 51 -6.77 -2.79 17.55
C LEU A 51 -6.83 -1.36 18.08
N PRO A 52 -5.98 -1.04 19.08
CA PRO A 52 -5.94 0.29 19.67
C PRO A 52 -5.35 1.34 18.72
N ILE A 53 -5.78 2.58 18.89
CA ILE A 53 -5.34 3.70 18.06
C ILE A 53 -3.82 3.85 17.96
N ASN A 54 -3.13 3.66 19.08
CA ASN A 54 -1.68 3.79 19.11
C ASN A 54 -0.96 2.83 18.16
N GLN A 55 -1.51 1.63 17.99
CA GLN A 55 -0.91 0.65 17.08
C GLN A 55 -1.77 0.49 15.83
N ARG A 56 -2.23 1.60 15.27
CA ARG A 56 -3.08 1.57 14.09
C ARG A 56 -2.43 2.10 12.80
N PHE A 57 -1.50 3.04 12.92
CA PHE A 57 -0.88 3.63 11.73
C PHE A 57 0.65 3.56 11.71
N ILE A 58 1.20 3.52 10.50
CA ILE A 58 2.64 3.47 10.27
C ILE A 58 2.98 4.64 9.34
N LEU A 59 4.00 5.40 9.70
CA LEU A 59 4.42 6.55 8.89
C LEU A 59 5.54 6.17 7.92
N VAL A 60 5.44 6.66 6.70
CA VAL A 60 6.43 6.39 5.67
C VAL A 60 7.02 7.70 5.17
N GLU A 61 8.29 7.94 5.49
CA GLU A 61 9.00 9.15 5.11
C GLU A 61 9.64 9.00 3.74
N LEU A 62 9.07 9.68 2.74
CA LEU A 62 9.58 9.64 1.38
C LEU A 62 10.31 10.93 1.05
N SER A 63 11.58 10.81 0.67
CA SER A 63 12.39 11.96 0.32
C SER A 63 12.87 11.92 -1.13
N ASN A 64 12.93 13.09 -1.75
CA ASN A 64 13.37 13.24 -3.13
C ASN A 64 14.85 13.54 -3.18
N HIS A 65 15.43 13.43 -4.37
CA HIS A 65 16.85 13.71 -4.58
C HIS A 65 17.11 15.22 -4.58
N ALA A 66 16.13 15.99 -4.13
CA ALA A 66 16.23 17.43 -4.09
C ALA A 66 15.62 18.02 -2.81
N GLU A 67 16.02 17.45 -1.67
CA GLU A 67 15.58 17.88 -0.34
C GLU A 67 14.07 18.04 -0.14
N LEU A 68 13.26 17.26 -0.85
CA LEU A 68 11.82 17.33 -0.71
C LEU A 68 11.37 16.17 0.16
N SER A 69 10.55 16.44 1.16
CA SER A 69 10.07 15.41 2.06
C SER A 69 8.56 15.35 2.14
N VAL A 70 8.03 14.13 2.19
CA VAL A 70 6.59 13.90 2.29
C VAL A 70 6.42 12.66 3.17
N THR A 71 5.34 12.60 3.94
CA THR A 71 5.12 11.45 4.82
C THR A 71 3.73 10.85 4.63
N LEU A 72 3.69 9.59 4.19
CA LEU A 72 2.44 8.89 3.98
C LEU A 72 2.03 8.15 5.24
N ALA A 73 0.72 8.03 5.46
CA ALA A 73 0.19 7.33 6.62
C ALA A 73 -0.44 6.02 6.17
N LEU A 74 0.20 4.92 6.52
CA LEU A 74 -0.28 3.59 6.16
C LEU A 74 -1.12 2.95 7.25
N ASP A 75 -2.29 2.46 6.87
CA ASP A 75 -3.20 1.81 7.81
C ASP A 75 -2.67 0.39 7.99
N VAL A 76 -2.25 0.06 9.20
CA VAL A 76 -1.68 -1.25 9.51
C VAL A 76 -2.60 -2.44 9.23
N THR A 77 -3.91 -2.21 9.25
CA THR A 77 -4.88 -3.29 9.04
C THR A 77 -5.08 -3.71 7.57
N ASN A 78 -4.59 -2.91 6.63
CA ASN A 78 -4.76 -3.23 5.22
C ASN A 78 -3.77 -2.53 4.30
N ALA A 79 -2.73 -1.92 4.87
CA ALA A 79 -1.72 -1.20 4.10
C ALA A 79 -2.38 -0.14 3.20
N TYR A 80 -3.43 0.48 3.70
CA TYR A 80 -4.16 1.50 2.96
C TYR A 80 -3.59 2.88 3.27
N VAL A 81 -3.22 3.62 2.24
CA VAL A 81 -2.68 4.96 2.42
C VAL A 81 -3.85 5.88 2.75
N VAL A 82 -3.95 6.30 4.01
CA VAL A 82 -5.05 7.17 4.43
C VAL A 82 -4.80 8.65 4.15
N GLY A 83 -3.54 9.05 4.12
CA GLY A 83 -3.23 10.46 3.86
C GLY A 83 -1.73 10.71 3.88
N TYR A 84 -1.35 11.98 3.79
CA TYR A 84 0.06 12.35 3.81
C TYR A 84 0.28 13.74 4.41
N ARG A 85 1.54 14.08 4.65
CA ARG A 85 1.92 15.36 5.22
C ARG A 85 3.02 16.00 4.36
N ALA A 86 2.89 17.30 4.14
CA ALA A 86 3.86 18.06 3.36
C ALA A 86 4.02 19.43 4.00
N GLY A 87 5.26 19.81 4.30
CA GLY A 87 5.51 21.09 4.93
C GLY A 87 4.87 21.17 6.30
N ASN A 88 3.70 21.81 6.36
CA ASN A 88 2.96 21.94 7.61
C ASN A 88 1.47 21.72 7.38
N SER A 89 1.16 21.03 6.28
CA SER A 89 -0.22 20.74 5.93
C SER A 89 -0.41 19.24 5.77
N ALA A 90 -1.49 18.72 6.33
CA ALA A 90 -1.80 17.30 6.25
C ALA A 90 -3.05 17.13 5.39
N TYR A 91 -3.04 16.14 4.51
CA TYR A 91 -4.17 15.87 3.63
C TYR A 91 -4.60 14.42 3.79
N PHE A 92 -5.86 14.21 4.14
CA PHE A 92 -6.40 12.88 4.33
C PHE A 92 -7.52 12.61 3.33
N PHE A 93 -7.66 11.35 2.93
CA PHE A 93 -8.72 10.96 2.01
C PHE A 93 -10.03 10.91 2.78
N HIS A 94 -11.14 11.11 2.07
CA HIS A 94 -12.45 11.07 2.72
C HIS A 94 -12.71 9.66 3.27
N PRO A 95 -12.80 9.53 4.60
CA PRO A 95 -13.04 8.23 5.24
C PRO A 95 -14.40 7.64 4.86
N ASP A 96 -14.46 6.31 4.86
CA ASP A 96 -15.68 5.59 4.51
C ASP A 96 -16.64 5.41 5.68
N ASN A 97 -16.18 5.75 6.89
CA ASN A 97 -17.00 5.61 8.07
C ASN A 97 -16.46 6.44 9.24
N GLN A 98 -17.35 6.77 10.18
CA GLN A 98 -17.00 7.56 11.35
C GLN A 98 -15.89 6.95 12.19
N GLU A 99 -15.88 5.63 12.31
CA GLU A 99 -14.87 4.92 13.09
C GLU A 99 -13.46 5.26 12.59
N ASP A 100 -13.26 5.17 11.28
CA ASP A 100 -11.97 5.47 10.69
C ASP A 100 -11.69 6.98 10.77
N ALA A 101 -12.74 7.77 10.62
CA ALA A 101 -12.60 9.23 10.68
C ALA A 101 -12.09 9.62 12.07
N GLU A 102 -12.57 8.91 13.08
CA GLU A 102 -12.18 9.14 14.46
C GLU A 102 -10.71 8.79 14.65
N ALA A 103 -10.26 7.74 13.98
CA ALA A 103 -8.86 7.32 14.07
C ALA A 103 -7.96 8.30 13.32
N ILE A 104 -8.41 8.75 12.15
CA ILE A 104 -7.66 9.67 11.31
C ILE A 104 -7.26 10.98 12.01
N THR A 105 -8.11 11.45 12.92
CA THR A 105 -7.84 12.70 13.65
C THR A 105 -6.57 12.64 14.49
N HIS A 106 -6.04 11.44 14.69
CA HIS A 106 -4.84 11.26 15.50
C HIS A 106 -3.54 11.40 14.71
N LEU A 107 -3.66 11.49 13.39
CA LEU A 107 -2.49 11.63 12.51
C LEU A 107 -2.03 13.07 12.38
N PHE A 108 -0.71 13.25 12.38
CA PHE A 108 -0.08 14.56 12.22
C PHE A 108 -0.75 15.68 13.02
N THR A 109 -1.08 15.40 14.28
CA THR A 109 -1.74 16.37 15.14
C THR A 109 -0.96 17.65 15.40
N ASP A 110 0.32 17.67 15.00
CA ASP A 110 1.17 18.84 15.20
C ASP A 110 1.23 19.80 14.00
N VAL A 111 0.55 19.46 12.92
CA VAL A 111 0.56 20.32 11.73
C VAL A 111 -0.35 21.53 11.92
N GLN A 112 -0.01 22.64 11.26
CA GLN A 112 -0.80 23.86 11.37
C GLN A 112 -2.08 23.80 10.55
N ASN A 113 -2.01 23.13 9.39
CA ASN A 113 -3.17 23.02 8.51
C ASN A 113 -3.56 21.57 8.25
N ARG A 114 -4.84 21.26 8.40
CA ARG A 114 -5.36 19.92 8.16
C ARG A 114 -6.46 20.01 7.12
N TYR A 115 -6.44 19.11 6.15
CA TYR A 115 -7.45 19.11 5.09
C TYR A 115 -7.88 17.69 4.78
N THR A 116 -9.19 17.52 4.54
CA THR A 116 -9.74 16.21 4.22
C THR A 116 -10.38 16.29 2.84
N PHE A 117 -9.86 15.49 1.91
CA PHE A 117 -10.38 15.45 0.55
C PHE A 117 -11.83 14.97 0.55
N ALA A 118 -12.63 15.53 -0.35
CA ALA A 118 -14.02 15.14 -0.47
C ALA A 118 -14.12 13.77 -1.12
N PHE A 119 -13.18 13.48 -2.01
CA PHE A 119 -13.14 12.22 -2.73
C PHE A 119 -12.43 11.12 -1.95
N GLY A 120 -12.71 9.87 -2.32
CA GLY A 120 -12.08 8.74 -1.66
C GLY A 120 -10.72 8.47 -2.27
N GLY A 121 -9.88 7.74 -1.53
CA GLY A 121 -8.55 7.43 -2.03
C GLY A 121 -8.44 6.11 -2.76
N ASN A 122 -9.57 5.51 -3.12
CA ASN A 122 -9.57 4.24 -3.83
C ASN A 122 -9.31 4.41 -5.33
N TYR A 123 -8.62 3.42 -5.91
CA TYR A 123 -8.27 3.43 -7.33
C TYR A 123 -9.33 3.99 -8.29
N ASP A 124 -10.54 3.45 -8.25
CA ASP A 124 -11.61 3.89 -9.13
C ASP A 124 -11.81 5.41 -9.15
N ARG A 125 -11.78 6.03 -7.98
CA ARG A 125 -11.95 7.48 -7.88
C ARG A 125 -10.71 8.20 -8.39
N LEU A 126 -9.55 7.80 -7.88
CA LEU A 126 -8.28 8.40 -8.27
C LEU A 126 -8.04 8.41 -9.79
N GLU A 127 -8.31 7.28 -10.44
CA GLU A 127 -8.12 7.17 -11.88
C GLU A 127 -8.97 8.20 -12.63
N GLN A 128 -10.18 8.42 -12.15
CA GLN A 128 -11.10 9.39 -12.75
C GLN A 128 -10.49 10.78 -12.68
N LEU A 129 -9.92 11.11 -11.52
CA LEU A 129 -9.29 12.40 -11.30
C LEU A 129 -8.04 12.58 -12.16
N ALA A 130 -7.21 11.54 -12.19
CA ALA A 130 -5.96 11.56 -12.97
C ALA A 130 -6.22 11.48 -14.47
N GLY A 131 -7.44 11.08 -14.85
CA GLY A 131 -7.78 10.97 -16.25
C GLY A 131 -6.97 9.90 -16.95
N ASN A 132 -6.39 8.99 -16.17
CA ASN A 132 -5.57 7.92 -16.70
C ASN A 132 -5.73 6.67 -15.84
N LEU A 133 -5.78 5.51 -16.50
CA LEU A 133 -5.92 4.25 -15.79
C LEU A 133 -4.52 3.76 -15.40
N ARG A 134 -4.46 2.90 -14.40
CA ARG A 134 -3.18 2.35 -13.92
C ARG A 134 -2.34 1.76 -15.04
N GLU A 135 -2.99 1.06 -15.97
CA GLU A 135 -2.30 0.45 -17.10
C GLU A 135 -1.69 1.45 -18.08
N ASN A 136 -1.89 2.74 -17.81
CA ASN A 136 -1.34 3.80 -18.65
C ASN A 136 -0.45 4.72 -17.84
N ILE A 137 -0.29 4.41 -16.55
CA ILE A 137 0.54 5.20 -15.66
C ILE A 137 1.82 4.42 -15.37
N GLU A 138 2.95 5.00 -15.74
CA GLU A 138 4.25 4.36 -15.53
C GLU A 138 4.68 4.30 -14.07
N LEU A 139 5.46 3.27 -13.76
CA LEU A 139 5.97 3.05 -12.41
C LEU A 139 7.49 2.88 -12.49
N GLY A 140 8.18 3.25 -11.41
CA GLY A 140 9.62 3.14 -11.36
C GLY A 140 10.18 4.18 -10.41
N ASN A 141 11.49 4.14 -10.19
CA ASN A 141 12.13 5.10 -9.29
C ASN A 141 11.93 6.52 -9.80
N GLY A 142 12.01 6.69 -11.12
CA GLY A 142 11.83 8.00 -11.72
C GLY A 142 10.43 8.53 -11.43
N PRO A 143 9.37 7.82 -11.85
CA PRO A 143 8.00 8.26 -11.61
C PRO A 143 7.74 8.54 -10.13
N LEU A 144 8.31 7.70 -9.27
CA LEU A 144 8.16 7.85 -7.83
C LEU A 144 8.78 9.18 -7.40
N GLU A 145 9.93 9.50 -7.97
CA GLU A 145 10.63 10.74 -7.67
C GLU A 145 9.70 11.91 -7.99
N GLU A 146 9.12 11.88 -9.19
CA GLU A 146 8.20 12.91 -9.64
C GLU A 146 6.96 12.96 -8.76
N ALA A 147 6.50 11.78 -8.32
CA ALA A 147 5.32 11.68 -7.48
C ALA A 147 5.51 12.44 -6.17
N ILE A 148 6.66 12.23 -5.54
CA ILE A 148 6.97 12.90 -4.28
C ILE A 148 6.96 14.42 -4.49
N SER A 149 7.53 14.85 -5.61
CA SER A 149 7.59 16.27 -5.95
C SER A 149 6.19 16.88 -5.99
N ALA A 150 5.28 16.24 -6.72
CA ALA A 150 3.91 16.71 -6.84
C ALA A 150 3.21 16.81 -5.50
N LEU A 151 3.23 15.71 -4.75
CA LEU A 151 2.61 15.67 -3.42
C LEU A 151 3.10 16.81 -2.54
N TYR A 152 4.40 17.00 -2.50
CA TYR A 152 5.00 18.06 -1.69
C TYR A 152 4.55 19.45 -2.15
N TYR A 153 4.63 19.70 -3.46
CA TYR A 153 4.24 20.99 -4.01
C TYR A 153 2.75 21.29 -3.96
N TYR A 154 1.95 20.29 -3.61
CA TYR A 154 0.50 20.48 -3.51
C TYR A 154 0.23 21.50 -2.40
N SER A 155 0.98 21.38 -1.30
CA SER A 155 0.82 22.26 -0.16
C SER A 155 1.38 23.68 -0.38
N THR A 156 1.91 23.94 -1.57
CA THR A 156 2.47 25.26 -1.86
C THR A 156 1.75 26.00 -2.99
N GLY A 157 0.87 25.32 -3.69
CA GLY A 157 0.14 25.96 -4.77
C GLY A 157 0.16 25.22 -6.09
N GLY A 158 1.05 24.24 -6.23
CA GLY A 158 1.11 23.47 -7.46
C GLY A 158 -0.24 22.84 -7.74
N THR A 159 -0.79 22.22 -6.71
CA THR A 159 -2.09 21.57 -6.76
C THR A 159 -2.29 20.58 -7.91
N GLN A 160 -2.97 21.02 -8.98
CA GLN A 160 -3.26 20.18 -10.14
C GLN A 160 -3.73 18.77 -9.77
N LEU A 161 -5.01 18.66 -9.42
CA LEU A 161 -5.62 17.40 -9.02
C LEU A 161 -5.26 16.17 -9.86
N PRO A 162 -5.30 16.28 -11.21
CA PRO A 162 -4.95 15.13 -12.04
C PRO A 162 -3.56 14.58 -11.70
N THR A 163 -2.60 15.48 -11.54
CA THR A 163 -1.23 15.09 -11.20
C THR A 163 -1.18 14.56 -9.77
N LEU A 164 -1.89 15.23 -8.87
CA LEU A 164 -1.95 14.83 -7.46
C LEU A 164 -2.45 13.39 -7.34
N ALA A 165 -3.54 13.09 -8.02
CA ALA A 165 -4.14 11.76 -8.00
C ALA A 165 -3.18 10.73 -8.58
N ARG A 166 -2.59 11.05 -9.73
CA ARG A 166 -1.64 10.17 -10.39
C ARG A 166 -0.49 9.83 -9.45
N SER A 167 0.02 10.84 -8.74
CA SER A 167 1.11 10.66 -7.80
C SER A 167 0.73 9.62 -6.75
N PHE A 168 -0.48 9.75 -6.21
CA PHE A 168 -0.97 8.80 -5.21
C PHE A 168 -1.00 7.39 -5.76
N ILE A 169 -1.58 7.23 -6.95
CA ILE A 169 -1.67 5.92 -7.59
C ILE A 169 -0.29 5.27 -7.69
N ILE A 170 0.71 6.07 -8.02
CA ILE A 170 2.08 5.58 -8.15
C ILE A 170 2.61 5.11 -6.79
N CYS A 171 2.60 6.01 -5.82
CA CYS A 171 3.08 5.71 -4.47
C CYS A 171 2.41 4.49 -3.86
N ILE A 172 1.09 4.40 -4.01
CA ILE A 172 0.32 3.28 -3.47
C ILE A 172 0.84 1.95 -4.00
N GLN A 173 0.96 1.83 -5.32
CA GLN A 173 1.44 0.60 -5.94
C GLN A 173 2.87 0.26 -5.55
N MET A 174 3.76 1.25 -5.61
CA MET A 174 5.16 1.05 -5.29
C MET A 174 5.45 0.82 -3.80
N ILE A 175 4.47 1.07 -2.94
CA ILE A 175 4.65 0.89 -1.50
C ILE A 175 3.67 -0.14 -0.94
N SER A 176 2.40 0.25 -0.89
CA SER A 176 1.34 -0.61 -0.36
C SER A 176 1.26 -1.95 -1.08
N GLU A 177 1.02 -1.90 -2.40
CA GLU A 177 0.91 -3.12 -3.19
C GLU A 177 2.19 -3.95 -3.16
N ALA A 178 3.34 -3.28 -3.20
CA ALA A 178 4.62 -3.95 -3.17
C ALA A 178 4.79 -4.76 -1.88
N ALA A 179 4.34 -4.19 -0.77
CA ALA A 179 4.43 -4.84 0.53
C ALA A 179 3.42 -5.99 0.62
N ARG A 180 2.30 -5.83 -0.07
CA ARG A 180 1.25 -6.85 -0.08
C ARG A 180 1.66 -8.09 -0.88
N PHE A 181 2.18 -7.87 -2.08
CA PHE A 181 2.60 -8.98 -2.94
C PHE A 181 4.09 -9.00 -3.23
N GLN A 182 4.72 -10.12 -2.94
CA GLN A 182 6.15 -10.30 -3.18
C GLN A 182 6.38 -10.18 -4.69
N TYR A 183 5.37 -10.57 -5.46
CA TYR A 183 5.42 -10.50 -6.92
C TYR A 183 5.57 -9.04 -7.37
N ILE A 184 4.69 -8.18 -6.88
CA ILE A 184 4.73 -6.76 -7.24
C ILE A 184 6.06 -6.15 -6.84
N GLU A 185 6.57 -6.54 -5.68
CA GLU A 185 7.86 -6.06 -5.20
C GLU A 185 8.91 -6.36 -6.26
N GLY A 186 8.86 -7.57 -6.81
CA GLY A 186 9.79 -7.98 -7.84
C GLY A 186 9.69 -7.11 -9.08
N GLU A 187 8.47 -6.87 -9.53
CA GLU A 187 8.23 -6.03 -10.71
C GLU A 187 8.89 -4.68 -10.56
N MET A 188 8.66 -4.03 -9.43
CA MET A 188 9.24 -2.73 -9.15
C MET A 188 10.77 -2.83 -9.09
N ARG A 189 11.25 -3.91 -8.50
CA ARG A 189 12.69 -4.15 -8.38
C ARG A 189 13.36 -4.22 -9.74
N THR A 190 12.76 -4.95 -10.68
CA THR A 190 13.30 -5.07 -12.02
C THR A 190 13.34 -3.69 -12.70
N ARG A 191 12.28 -2.91 -12.49
CA ARG A 191 12.19 -1.57 -13.06
C ARG A 191 13.33 -0.69 -12.56
N ILE A 192 13.59 -0.74 -11.26
CA ILE A 192 14.66 0.04 -10.65
C ILE A 192 16.02 -0.48 -11.14
N ARG A 193 16.14 -1.80 -11.19
CA ARG A 193 17.35 -2.49 -11.63
C ARG A 193 17.91 -1.94 -12.95
N TYR A 194 17.02 -1.71 -13.91
CA TYR A 194 17.45 -1.19 -15.21
C TYR A 194 17.08 0.26 -15.45
N ASN A 195 16.83 1.01 -14.36
CA ASN A 195 16.46 2.42 -14.44
C ASN A 195 15.26 2.60 -15.38
N ARG A 196 14.41 1.58 -15.42
CA ARG A 196 13.24 1.57 -16.27
C ARG A 196 12.05 2.26 -15.60
N ARG A 197 11.04 2.56 -16.40
CA ARG A 197 9.81 3.18 -15.95
C ARG A 197 8.72 2.76 -16.92
N SER A 198 7.82 1.89 -16.47
CA SER A 198 6.76 1.38 -17.33
C SER A 198 5.46 1.11 -16.57
N ALA A 199 4.36 1.11 -17.31
CA ALA A 199 3.04 0.87 -16.73
C ALA A 199 2.89 -0.60 -16.36
N PRO A 200 2.12 -0.89 -15.29
CA PRO A 200 1.88 -2.26 -14.84
C PRO A 200 1.04 -3.09 -15.81
N ASP A 201 1.47 -4.31 -16.06
CA ASP A 201 0.79 -5.22 -16.96
C ASP A 201 -0.37 -5.91 -16.23
N PRO A 202 -1.31 -6.53 -16.99
CA PRO A 202 -2.48 -7.22 -16.43
C PRO A 202 -2.28 -8.02 -15.15
N SER A 203 -1.29 -8.92 -15.13
CA SER A 203 -1.04 -9.74 -13.95
C SER A 203 -0.95 -8.92 -12.67
N VAL A 204 -0.28 -7.77 -12.75
CA VAL A 204 -0.11 -6.90 -11.60
C VAL A 204 -1.45 -6.30 -11.19
N ILE A 205 -2.17 -5.74 -12.15
CA ILE A 205 -3.47 -5.12 -11.90
C ILE A 205 -4.44 -6.09 -11.25
N THR A 206 -4.62 -7.26 -11.86
CA THR A 206 -5.53 -8.27 -11.35
C THR A 206 -5.23 -8.62 -9.89
N LEU A 207 -3.95 -8.77 -9.56
CA LEU A 207 -3.55 -9.09 -8.18
C LEU A 207 -4.03 -8.01 -7.22
N GLU A 208 -3.79 -6.75 -7.60
CA GLU A 208 -4.18 -5.61 -6.78
C GLU A 208 -5.69 -5.60 -6.55
N ASN A 209 -6.45 -5.94 -7.59
CA ASN A 209 -7.90 -5.98 -7.52
C ASN A 209 -8.42 -7.19 -6.74
N SER A 210 -7.65 -8.27 -6.77
CA SER A 210 -8.04 -9.50 -6.10
C SER A 210 -7.45 -9.73 -4.70
N TRP A 211 -6.73 -8.75 -4.16
CA TRP A 211 -6.13 -8.89 -2.83
C TRP A 211 -7.14 -9.35 -1.77
N GLY A 212 -8.27 -8.65 -1.69
CA GLY A 212 -9.28 -9.00 -0.72
C GLY A 212 -9.86 -10.38 -0.95
N ARG A 213 -10.17 -10.68 -2.21
CA ARG A 213 -10.73 -11.97 -2.59
C ARG A 213 -9.80 -13.10 -2.18
N LEU A 214 -8.52 -12.98 -2.55
CA LEU A 214 -7.51 -13.97 -2.22
C LEU A 214 -7.43 -14.18 -0.72
N SER A 215 -7.31 -13.09 0.02
CA SER A 215 -7.23 -13.14 1.48
C SER A 215 -8.38 -13.96 2.07
N THR A 216 -9.59 -13.70 1.58
CA THR A 216 -10.78 -14.40 2.04
C THR A 216 -10.69 -15.89 1.72
N ALA A 217 -10.45 -16.21 0.45
CA ALA A 217 -10.35 -17.59 0.00
C ALA A 217 -9.33 -18.41 0.80
N ILE A 218 -8.13 -17.86 0.97
CA ILE A 218 -7.07 -18.53 1.70
C ILE A 218 -7.47 -18.81 3.16
N GLN A 219 -8.18 -17.87 3.76
CA GLN A 219 -8.61 -18.02 5.15
C GLN A 219 -9.80 -18.97 5.31
N GLU A 220 -10.67 -19.03 4.30
CA GLU A 220 -11.82 -19.93 4.36
C GLU A 220 -11.58 -21.21 3.54
N SER A 221 -10.32 -21.48 3.22
CA SER A 221 -9.96 -22.67 2.44
C SER A 221 -9.80 -23.87 3.36
N ASN A 222 -10.36 -25.00 2.94
CA ASN A 222 -10.25 -26.22 3.75
C ASN A 222 -8.84 -26.79 3.59
N GLN A 223 -7.99 -26.47 4.57
CA GLN A 223 -6.61 -26.92 4.60
C GLN A 223 -5.80 -26.62 3.34
N GLY A 224 -6.03 -25.45 2.75
CA GLY A 224 -5.30 -25.07 1.56
C GLY A 224 -6.09 -25.13 0.27
N ALA A 225 -7.08 -26.01 0.22
CA ALA A 225 -7.92 -26.17 -0.97
C ALA A 225 -8.99 -25.09 -1.00
N PHE A 226 -9.00 -24.30 -2.08
CA PHE A 226 -9.98 -23.23 -2.23
C PHE A 226 -11.37 -23.81 -2.46
N ALA A 227 -12.36 -23.16 -1.88
CA ALA A 227 -13.75 -23.60 -2.01
C ALA A 227 -14.27 -23.39 -3.44
N SER A 228 -13.57 -22.57 -4.21
CA SER A 228 -13.95 -22.29 -5.59
C SER A 228 -12.75 -21.73 -6.33
N PRO A 229 -12.51 -22.21 -7.56
CA PRO A 229 -11.38 -21.78 -8.41
C PRO A 229 -11.39 -20.27 -8.64
N ILE A 230 -10.33 -19.61 -8.21
CA ILE A 230 -10.20 -18.16 -8.38
C ILE A 230 -9.44 -17.87 -9.66
N GLN A 231 -10.05 -17.08 -10.55
CA GLN A 231 -9.39 -16.72 -11.80
C GLN A 231 -8.45 -15.55 -11.60
N LEU A 232 -7.30 -15.62 -12.23
CA LEU A 232 -6.27 -14.59 -12.16
C LEU A 232 -5.84 -14.30 -13.59
N GLN A 233 -4.99 -13.30 -13.78
CA GLN A 233 -4.53 -12.94 -15.12
C GLN A 233 -3.02 -13.02 -15.27
N ARG A 234 -2.59 -13.45 -16.44
CA ARG A 234 -1.16 -13.56 -16.75
C ARG A 234 -0.67 -12.23 -17.29
N ARG A 235 0.63 -12.18 -17.58
CA ARG A 235 1.27 -10.97 -18.10
C ARG A 235 0.66 -10.53 -19.42
N ASN A 236 0.36 -11.49 -20.29
CA ASN A 236 -0.23 -11.20 -21.60
C ASN A 236 -1.74 -10.99 -21.54
N GLY A 237 -2.32 -11.07 -20.34
CA GLY A 237 -3.74 -10.88 -20.19
C GLY A 237 -4.57 -12.16 -20.16
N SER A 238 -3.95 -13.28 -20.49
CA SER A 238 -4.66 -14.56 -20.48
C SER A 238 -5.06 -14.95 -19.06
N LYS A 239 -6.29 -15.42 -18.90
CA LYS A 239 -6.80 -15.79 -17.59
C LYS A 239 -6.52 -17.26 -17.26
N PHE A 240 -6.35 -17.55 -15.97
CA PHE A 240 -6.09 -18.90 -15.50
C PHE A 240 -6.66 -19.03 -14.09
N SER A 241 -6.97 -20.25 -13.67
CA SER A 241 -7.54 -20.48 -12.35
C SER A 241 -6.58 -21.05 -11.32
N VAL A 242 -6.78 -20.66 -10.06
CA VAL A 242 -5.97 -21.12 -8.95
C VAL A 242 -6.86 -22.00 -8.08
N TYR A 243 -6.36 -23.17 -7.68
CA TYR A 243 -7.12 -24.11 -6.87
C TYR A 243 -6.57 -24.28 -5.46
N ASP A 244 -5.25 -24.06 -5.30
CA ASP A 244 -4.60 -24.21 -4.00
C ASP A 244 -3.76 -23.01 -3.61
N VAL A 245 -3.67 -22.78 -2.31
CA VAL A 245 -2.89 -21.66 -1.76
C VAL A 245 -1.40 -21.81 -2.03
N SER A 246 -0.94 -23.06 -2.15
CA SER A 246 0.48 -23.36 -2.39
C SER A 246 1.10 -22.50 -3.49
N ILE A 247 0.41 -22.41 -4.62
CA ILE A 247 0.89 -21.61 -5.76
C ILE A 247 1.04 -20.14 -5.38
N LEU A 248 0.12 -19.65 -4.55
CA LEU A 248 0.13 -18.25 -4.12
C LEU A 248 1.12 -17.91 -3.02
N ILE A 249 1.63 -18.92 -2.31
CA ILE A 249 2.59 -18.69 -1.22
C ILE A 249 3.75 -17.78 -1.60
N PRO A 250 4.46 -18.08 -2.70
CA PRO A 250 5.60 -17.22 -3.08
C PRO A 250 5.16 -15.92 -3.78
N ILE A 251 3.86 -15.75 -3.96
CA ILE A 251 3.34 -14.55 -4.62
C ILE A 251 2.84 -13.51 -3.62
N ILE A 252 1.85 -13.88 -2.82
CA ILE A 252 1.28 -12.96 -1.83
C ILE A 252 2.09 -13.01 -0.53
N ALA A 253 2.32 -11.85 0.06
CA ALA A 253 3.08 -11.75 1.30
C ALA A 253 2.19 -11.48 2.50
N LEU A 254 1.24 -10.57 2.35
CA LEU A 254 0.35 -10.21 3.44
C LEU A 254 -1.12 -10.34 3.05
N MET A 255 -1.97 -10.68 4.02
CA MET A 255 -3.40 -10.83 3.79
C MET A 255 -4.18 -10.00 4.79
N VAL A 256 -5.36 -9.53 4.39
CA VAL A 256 -6.20 -8.74 5.28
C VAL A 256 -7.04 -9.69 6.13
N TYR A 257 -7.22 -9.36 7.40
CA TYR A 257 -8.00 -10.19 8.32
C TYR A 257 -9.42 -10.41 7.82
N ARG A 258 -9.85 -11.66 7.77
CA ARG A 258 -11.18 -12.02 7.32
C ARG A 258 -11.86 -12.94 8.32
N CYS A 259 -11.40 -14.19 8.37
CA CYS A 259 -11.96 -15.18 9.27
C CYS A 259 -11.26 -15.19 10.63
N ALA A 260 -12.02 -15.47 11.68
CA ALA A 260 -11.48 -15.52 13.03
C ALA A 260 -10.59 -16.74 13.13
N PRO A 261 -9.41 -16.61 13.75
CA PRO A 261 -8.48 -17.73 13.91
C PRO A 261 -9.11 -18.93 14.63
N PRO A 262 -9.09 -20.11 14.00
CA PRO A 262 -9.62 -21.36 14.53
C PRO A 262 -8.71 -21.81 15.69
N PRO A 263 -8.55 -23.12 15.96
CA PRO A 263 -7.65 -23.43 17.07
C PRO A 263 -6.23 -22.92 16.77
N SER A 264 -5.95 -21.70 17.21
CA SER A 264 -4.66 -21.06 16.98
C SER A 264 -3.48 -21.78 17.62
N SER A 265 -2.99 -22.82 16.94
CA SER A 265 -1.84 -23.57 17.43
C SER A 265 -0.58 -22.80 17.03
N GLN A 266 -0.41 -21.63 17.64
CA GLN A 266 0.73 -20.77 17.37
C GLN A 266 2.00 -21.30 18.05
N PHE A 267 2.77 -22.09 17.32
CA PHE A 267 4.01 -22.66 17.83
C PHE A 267 5.06 -22.88 16.74
#